data_1DPE
#
_entry.id   1DPE
#
_cell.length_a   118.270
_cell.length_b   79.780
_cell.length_c   62.970
_cell.angle_alpha   90.00
_cell.angle_beta   90.00
_cell.angle_gamma   90.00
#
_symmetry.space_group_name_H-M   'P 21 21 21'
#
loop_
_entity.id
_entity.type
_entity.pdbx_description
1 polymer 'DIPEPTIDE-BINDING PROTEIN'
2 non-polymer 'CADMIUM ION'
3 water water
#
_entity_poly.entity_id   1
_entity_poly.type   'polypeptide(L)'
_entity_poly.pdbx_seq_one_letter_code
;KTLVYCSEGSPEGFNPQLFISGTTYDASSVPLYNRLVEFKIGTTEVIPGLAEKWEVSEDGKTYTFHLRKGVKWHDNKEFK
PTRELNADDVVFSFDRQKNAQNPYHKVSGGSYEYFEGMGLPELISEVKKVDDNTVQFVLTRPEAPFLADLAMDFASILSK
EYADAMMKAGTPEKLDLNPIGTGPFQLQQYQKDSRIRYKAFDGYWGTKPQIDTLVFSITPDASVRYAKLQKNECQVMPYP
NPADIARMKQDKSINLMEMPGLNVGYLSYNVQKKPLDDVKVRQALTYAVNKDAIIKAVYQGAGVSAKNLIPPTMWGYNDD
VQDYTYDPEKAKALLKEAGLEKGFSIDLWAMPVQRPYNPNARRMAEMIQADWAKVGVQAKIVTYEWGEYLKRAKDGEHQT
VMMGWTGDNGDPDNFFATEFSCAASEQGSNYSKWCYKPFEDLIQPARATDDHNKRVELYKQAQVVMHDQAPALIIAHSTV
FEPVRKEVKGYVVDPLGKHHFENVSIE
;
_entity_poly.pdbx_strand_id   A
#
# COMPACT_ATOMS: atom_id res chain seq x y z
N LYS A 1 1.11 -4.01 -31.30
CA LYS A 1 -0.17 -4.70 -31.13
C LYS A 1 -0.09 -5.66 -29.95
N THR A 2 1.03 -6.31 -29.71
CA THR A 2 1.14 -7.26 -28.59
C THR A 2 2.27 -6.94 -27.61
N LEU A 3 2.02 -7.16 -26.32
CA LEU A 3 2.92 -7.03 -25.19
C LEU A 3 2.83 -8.26 -24.27
N VAL A 4 3.96 -8.89 -24.04
CA VAL A 4 4.06 -10.03 -23.13
C VAL A 4 4.73 -9.58 -21.83
N TYR A 5 4.06 -9.80 -20.73
CA TYR A 5 4.46 -9.55 -19.36
C TYR A 5 4.78 -10.88 -18.66
N CYS A 6 5.96 -11.04 -18.11
CA CYS A 6 6.36 -12.22 -17.35
C CYS A 6 5.87 -12.09 -15.90
N SER A 7 4.72 -12.62 -15.54
CA SER A 7 4.22 -12.46 -14.17
C SER A 7 4.94 -13.39 -13.19
N GLU A 8 4.81 -13.13 -11.88
CA GLU A 8 5.54 -13.89 -10.86
C GLU A 8 4.73 -15.04 -10.28
N GLY A 9 3.52 -15.31 -10.77
CA GLY A 9 2.77 -16.47 -10.23
C GLY A 9 1.35 -16.42 -10.75
N SER A 10 0.54 -17.44 -10.45
CA SER A 10 -0.82 -17.45 -10.98
C SER A 10 -1.81 -16.80 -10.04
N PRO A 11 -2.79 -16.13 -10.67
CA PRO A 11 -3.84 -15.47 -9.88
C PRO A 11 -4.61 -16.47 -9.04
N GLU A 12 -5.21 -16.10 -7.93
CA GLU A 12 -6.06 -17.02 -7.21
C GLU A 12 -7.49 -17.07 -7.73
N GLY A 13 -7.94 -16.05 -8.42
CA GLY A 13 -9.29 -15.86 -8.99
C GLY A 13 -9.35 -14.56 -9.79
N PHE A 14 -10.53 -14.21 -10.27
CA PHE A 14 -10.77 -13.01 -11.08
C PHE A 14 -11.75 -12.03 -10.45
N ASN A 15 -12.18 -12.29 -9.22
CA ASN A 15 -13.00 -11.34 -8.45
C ASN A 15 -12.07 -10.87 -7.31
N PRO A 16 -11.61 -9.60 -7.44
CA PRO A 16 -10.67 -9.02 -6.50
C PRO A 16 -11.20 -8.79 -5.09
N GLN A 17 -12.53 -8.85 -4.97
CA GLN A 17 -13.18 -8.70 -3.68
C GLN A 17 -12.75 -9.82 -2.70
N LEU A 18 -12.47 -11.00 -3.24
CA LEU A 18 -12.19 -12.17 -2.43
C LEU A 18 -10.75 -12.40 -2.02
N PHE A 19 -9.80 -11.60 -2.55
CA PHE A 19 -8.37 -11.83 -2.41
C PHE A 19 -7.63 -10.60 -1.97
N ILE A 20 -6.40 -10.74 -1.50
CA ILE A 20 -5.57 -9.59 -1.07
C ILE A 20 -4.24 -9.50 -1.79
N SER A 21 -3.86 -10.46 -2.61
CA SER A 21 -2.60 -10.58 -3.29
C SER A 21 -2.39 -9.69 -4.50
N GLY A 22 -1.23 -9.03 -4.59
CA GLY A 22 -0.93 -8.15 -5.75
C GLY A 22 -0.86 -9.01 -7.01
N THR A 23 -0.37 -10.25 -6.89
CA THR A 23 -0.33 -11.16 -8.06
C THR A 23 -1.71 -11.35 -8.68
N THR A 24 -2.69 -11.54 -7.79
CA THR A 24 -4.08 -11.70 -8.21
C THR A 24 -4.66 -10.39 -8.73
N TYR A 25 -4.40 -9.31 -7.99
CA TYR A 25 -4.91 -7.99 -8.45
C TYR A 25 -4.40 -7.63 -9.85
N ASP A 26 -3.12 -7.79 -10.16
CA ASP A 26 -2.59 -7.53 -11.51
C ASP A 26 -3.31 -8.22 -12.68
N ALA A 27 -3.87 -9.40 -12.38
CA ALA A 27 -4.60 -10.20 -13.34
C ALA A 27 -6.10 -9.93 -13.34
N SER A 28 -6.60 -9.26 -12.29
CA SER A 28 -8.07 -9.04 -12.23
C SER A 28 -8.51 -7.59 -12.16
N SER A 29 -8.53 -6.97 -10.99
CA SER A 29 -8.96 -5.58 -10.87
C SER A 29 -8.21 -4.62 -11.80
N VAL A 30 -6.91 -4.82 -11.98
CA VAL A 30 -6.14 -3.80 -12.74
C VAL A 30 -6.57 -3.83 -14.21
N PRO A 31 -6.56 -4.99 -14.87
CA PRO A 31 -6.95 -5.03 -16.29
C PRO A 31 -8.44 -5.01 -16.58
N LEU A 32 -9.22 -5.68 -15.72
CA LEU A 32 -10.64 -5.88 -16.12
C LEU A 32 -11.68 -4.93 -15.58
N TYR A 33 -11.44 -4.29 -14.45
CA TYR A 33 -12.48 -3.50 -13.80
C TYR A 33 -12.12 -2.05 -13.59
N ASN A 34 -13.01 -1.28 -12.99
CA ASN A 34 -12.84 0.09 -12.55
C ASN A 34 -13.50 0.22 -11.15
N ARG A 35 -13.04 1.23 -10.43
CA ARG A 35 -13.56 1.68 -9.15
C ARG A 35 -14.35 2.98 -9.28
N LEU A 36 -15.02 3.38 -8.20
CA LEU A 36 -15.75 4.67 -8.21
C LEU A 36 -14.78 5.82 -8.50
N VAL A 37 -13.64 5.77 -7.81
CA VAL A 37 -12.54 6.72 -7.85
C VAL A 37 -11.22 5.98 -8.06
N GLU A 38 -10.27 6.69 -8.67
CA GLU A 38 -9.04 5.99 -9.05
C GLU A 38 -7.83 6.78 -8.59
N PHE A 39 -6.69 6.12 -8.53
CA PHE A 39 -5.43 6.76 -8.18
C PHE A 39 -4.87 7.27 -9.52
N LYS A 40 -4.46 8.51 -9.55
CA LYS A 40 -3.75 9.09 -10.69
C LYS A 40 -2.46 8.30 -10.91
N ILE A 41 -2.20 7.77 -12.11
CA ILE A 41 -0.97 6.96 -12.29
C ILE A 41 0.32 7.73 -11.93
N GLY A 42 1.16 6.99 -11.19
CA GLY A 42 2.42 7.45 -10.67
C GLY A 42 2.35 8.12 -9.33
N THR A 43 1.15 8.29 -8.76
CA THR A 43 0.93 8.97 -7.47
C THR A 43 -0.05 8.26 -6.53
N THR A 44 -0.39 8.83 -5.36
CA THR A 44 -1.47 8.26 -4.51
C THR A 44 -2.64 9.22 -4.38
N GLU A 45 -2.72 10.18 -5.30
CA GLU A 45 -3.75 11.21 -5.43
C GLU A 45 -4.95 10.52 -6.09
N VAL A 46 -6.14 10.92 -5.68
CA VAL A 46 -7.39 10.30 -6.13
C VAL A 46 -8.13 11.20 -7.10
N ILE A 47 -8.62 10.56 -8.18
CA ILE A 47 -9.40 11.28 -9.22
C ILE A 47 -10.66 10.55 -9.61
N PRO A 48 -11.54 11.16 -10.37
CA PRO A 48 -12.74 10.50 -10.85
C PRO A 48 -12.45 9.23 -11.59
N GLY A 49 -13.36 8.26 -11.32
CA GLY A 49 -13.35 6.94 -12.01
C GLY A 49 -14.74 6.69 -12.60
N LEU A 50 -15.44 5.67 -12.05
CA LEU A 50 -16.81 5.35 -12.56
C LEU A 50 -17.77 6.42 -12.04
N ALA A 51 -17.33 7.16 -11.05
CA ALA A 51 -18.04 8.37 -10.57
C ALA A 51 -17.37 9.63 -11.16
N GLU A 52 -18.04 10.39 -11.99
CA GLU A 52 -17.42 11.61 -12.58
C GLU A 52 -17.25 12.68 -11.53
N LYS A 53 -18.06 12.73 -10.46
CA LYS A 53 -17.81 13.63 -9.33
C LYS A 53 -18.44 13.09 -8.02
N TRP A 54 -17.96 13.61 -6.90
CA TRP A 54 -18.46 13.27 -5.57
C TRP A 54 -18.60 14.54 -4.75
N GLU A 55 -19.50 14.48 -3.78
CA GLU A 55 -19.81 15.51 -2.81
C GLU A 55 -19.85 14.95 -1.39
N VAL A 56 -19.42 15.73 -0.43
CA VAL A 56 -19.36 15.33 0.96
C VAL A 56 -20.18 16.34 1.72
N SER A 57 -21.09 15.85 2.54
CA SER A 57 -21.92 16.71 3.40
C SER A 57 -21.09 17.46 4.44
N GLU A 58 -21.70 18.49 5.01
CA GLU A 58 -21.12 19.40 5.99
C GLU A 58 -20.53 18.68 7.19
N ASP A 59 -21.30 17.67 7.63
CA ASP A 59 -20.84 16.91 8.81
C ASP A 59 -19.86 15.80 8.44
N GLY A 60 -19.48 15.72 7.18
CA GLY A 60 -18.51 14.72 6.73
C GLY A 60 -18.99 13.30 6.71
N LYS A 61 -20.26 13.05 7.03
CA LYS A 61 -20.79 11.68 7.04
C LYS A 61 -21.60 11.21 5.87
N THR A 62 -22.01 11.98 4.91
CA THR A 62 -22.74 11.53 3.74
C THR A 62 -21.95 11.85 2.47
N TYR A 63 -21.60 10.80 1.73
CA TYR A 63 -20.94 10.88 0.44
C TYR A 63 -21.94 10.72 -0.69
N THR A 64 -21.93 11.64 -1.67
CA THR A 64 -22.80 11.52 -2.85
C THR A 64 -21.91 11.26 -4.07
N PHE A 65 -22.11 10.20 -4.84
CA PHE A 65 -21.41 9.86 -6.06
C PHE A 65 -22.41 9.97 -7.23
N HIS A 66 -22.01 10.81 -8.19
CA HIS A 66 -22.75 11.00 -9.45
C HIS A 66 -22.00 10.20 -10.50
N LEU A 67 -22.62 9.15 -10.96
CA LEU A 67 -22.12 8.14 -11.87
C LEU A 67 -21.99 8.65 -13.30
N ARG A 68 -21.02 8.14 -13.98
CA ARG A 68 -20.68 8.38 -15.36
C ARG A 68 -21.71 7.70 -16.25
N LYS A 69 -22.18 8.47 -17.23
CA LYS A 69 -23.17 7.93 -18.20
C LYS A 69 -22.44 7.29 -19.37
N GLY A 70 -23.04 6.33 -20.01
CA GLY A 70 -22.56 5.57 -21.14
C GLY A 70 -21.53 4.49 -21.00
N VAL A 71 -21.29 4.02 -19.78
CA VAL A 71 -20.25 3.03 -19.51
C VAL A 71 -20.71 1.62 -19.85
N LYS A 72 -19.94 0.98 -20.73
CA LYS A 72 -20.15 -0.37 -21.16
C LYS A 72 -19.43 -1.47 -20.39
N TRP A 73 -20.11 -2.61 -20.34
CA TRP A 73 -19.66 -3.88 -19.80
C TRP A 73 -19.16 -4.80 -20.90
N HIS A 74 -18.22 -5.67 -20.57
CA HIS A 74 -17.73 -6.74 -21.41
C HIS A 74 -18.80 -7.79 -21.70
N ASP A 75 -18.50 -8.74 -22.57
CA ASP A 75 -19.43 -9.86 -22.80
C ASP A 75 -18.60 -11.14 -22.87
N ASN A 76 -19.33 -12.25 -22.77
CA ASN A 76 -18.70 -13.56 -22.88
C ASN A 76 -19.69 -14.51 -23.55
N LYS A 77 -19.26 -15.77 -23.69
CA LYS A 77 -20.00 -16.87 -24.27
C LYS A 77 -21.46 -16.82 -23.78
N GLU A 78 -21.53 -16.66 -22.46
CA GLU A 78 -22.83 -16.70 -21.79
C GLU A 78 -23.49 -15.36 -21.55
N PHE A 79 -22.77 -14.25 -21.56
CA PHE A 79 -23.37 -12.96 -21.24
C PHE A 79 -23.07 -11.89 -22.26
N LYS A 80 -24.12 -11.16 -22.57
CA LYS A 80 -24.23 -9.99 -23.42
C LYS A 80 -25.12 -9.01 -22.66
N PRO A 81 -24.58 -7.88 -22.24
CA PRO A 81 -25.35 -6.89 -21.48
C PRO A 81 -26.43 -6.22 -22.28
N THR A 82 -27.49 -5.70 -21.66
CA THR A 82 -28.57 -5.01 -22.30
C THR A 82 -28.65 -3.58 -21.81
N ARG A 83 -27.87 -3.24 -20.79
CA ARG A 83 -27.79 -1.86 -20.28
C ARG A 83 -26.34 -1.57 -19.85
N GLU A 84 -26.12 -0.29 -19.64
CA GLU A 84 -24.81 0.21 -19.20
C GLU A 84 -24.75 0.35 -17.70
N LEU A 85 -23.58 0.73 -17.17
CA LEU A 85 -23.39 0.94 -15.73
C LEU A 85 -24.50 1.73 -15.05
N ASN A 86 -24.96 1.41 -13.84
CA ASN A 86 -25.92 2.30 -13.14
C ASN A 86 -25.74 2.11 -11.63
N ALA A 87 -26.61 2.71 -10.83
CA ALA A 87 -26.54 2.58 -9.35
C ALA A 87 -26.71 1.17 -8.81
N ASP A 88 -27.53 0.32 -9.45
CA ASP A 88 -27.73 -1.07 -9.04
C ASP A 88 -26.40 -1.83 -9.01
N ASP A 89 -25.61 -1.60 -10.04
CA ASP A 89 -24.30 -2.26 -10.08
C ASP A 89 -23.45 -1.85 -8.89
N VAL A 90 -23.45 -0.57 -8.57
CA VAL A 90 -22.62 -0.07 -7.47
C VAL A 90 -23.10 -0.50 -6.08
N VAL A 91 -24.43 -0.43 -5.84
CA VAL A 91 -24.98 -0.89 -4.53
C VAL A 91 -24.72 -2.39 -4.35
N PHE A 92 -24.94 -3.21 -5.36
CA PHE A 92 -24.69 -4.65 -5.28
C PHE A 92 -23.26 -4.98 -4.85
N SER A 93 -22.30 -4.25 -5.44
CA SER A 93 -20.88 -4.48 -5.19
C SER A 93 -20.46 -4.40 -3.74
N PHE A 94 -20.91 -3.40 -3.00
CA PHE A 94 -20.66 -3.14 -1.61
C PHE A 94 -21.65 -3.90 -0.72
N ASP A 95 -22.91 -3.98 -1.10
CA ASP A 95 -23.91 -4.76 -0.33
C ASP A 95 -23.58 -6.25 -0.23
N ARG A 96 -23.01 -6.83 -1.30
CA ARG A 96 -22.52 -8.20 -1.31
C ARG A 96 -21.48 -8.53 -0.22
N GLN A 97 -20.56 -7.62 0.04
CA GLN A 97 -19.53 -7.74 1.08
C GLN A 97 -20.05 -7.46 2.47
N LYS A 98 -20.97 -6.54 2.68
CA LYS A 98 -21.42 -6.09 4.00
C LYS A 98 -22.61 -6.85 4.59
N ASN A 99 -23.58 -7.10 3.74
CA ASN A 99 -24.87 -7.73 4.08
C ASN A 99 -24.94 -9.24 3.91
N ALA A 100 -25.06 -9.96 5.05
CA ALA A 100 -25.18 -11.41 4.99
C ALA A 100 -26.54 -11.86 4.47
N GLN A 101 -27.48 -10.97 4.26
CA GLN A 101 -28.78 -11.27 3.68
C GLN A 101 -28.75 -11.20 2.17
N ASN A 102 -27.69 -10.65 1.56
CA ASN A 102 -27.53 -10.63 0.11
C ASN A 102 -27.31 -12.04 -0.35
N PRO A 103 -28.04 -12.50 -1.37
CA PRO A 103 -27.86 -13.81 -2.03
C PRO A 103 -26.45 -14.18 -2.43
N TYR A 104 -25.63 -13.19 -2.84
CA TYR A 104 -24.22 -13.50 -3.17
C TYR A 104 -23.26 -13.43 -1.99
N HIS A 105 -23.67 -13.04 -0.78
CA HIS A 105 -22.71 -12.95 0.33
C HIS A 105 -21.92 -14.23 0.57
N LYS A 106 -22.55 -15.42 0.62
CA LYS A 106 -21.71 -16.62 0.88
C LYS A 106 -21.13 -17.24 -0.40
N VAL A 107 -21.45 -16.66 -1.56
CA VAL A 107 -20.96 -17.24 -2.83
C VAL A 107 -19.43 -17.17 -2.82
N SER A 108 -18.86 -18.29 -3.23
CA SER A 108 -17.45 -18.62 -3.34
C SER A 108 -16.72 -18.51 -2.00
N GLY A 109 -17.51 -18.64 -0.93
CA GLY A 109 -16.94 -18.64 0.42
C GLY A 109 -17.11 -17.37 1.21
N GLY A 110 -17.39 -16.25 0.57
CA GLY A 110 -17.64 -15.04 1.33
C GLY A 110 -16.48 -14.47 2.13
N SER A 111 -15.26 -14.62 1.62
CA SER A 111 -14.13 -14.02 2.32
C SER A 111 -13.82 -12.64 1.77
N TYR A 112 -14.38 -11.62 2.38
CA TYR A 112 -14.20 -10.21 2.02
C TYR A 112 -13.16 -9.60 2.96
N GLU A 113 -11.97 -10.18 2.92
CA GLU A 113 -10.82 -9.83 3.75
C GLU A 113 -10.38 -8.38 3.74
N TYR A 114 -10.09 -7.69 2.64
CA TYR A 114 -9.69 -6.27 2.74
C TYR A 114 -10.82 -5.36 3.15
N PHE A 115 -12.06 -5.64 2.67
CA PHE A 115 -13.25 -4.91 3.08
C PHE A 115 -13.26 -4.83 4.59
N GLU A 116 -13.16 -6.00 5.22
CA GLU A 116 -13.15 -6.12 6.67
C GLU A 116 -11.90 -5.49 7.27
N GLY A 117 -10.74 -5.68 6.65
CA GLY A 117 -9.47 -5.15 7.12
C GLY A 117 -9.46 -3.63 7.18
N MET A 118 -10.15 -2.97 6.25
CA MET A 118 -10.17 -1.48 6.25
C MET A 118 -11.25 -0.90 7.16
N GLY A 119 -12.05 -1.70 7.86
CA GLY A 119 -13.05 -1.37 8.84
C GLY A 119 -14.38 -0.88 8.29
N LEU A 120 -14.66 -1.35 7.05
CA LEU A 120 -15.85 -0.83 6.33
C LEU A 120 -17.20 -1.34 6.82
N PRO A 121 -17.24 -2.56 7.37
CA PRO A 121 -18.50 -3.07 7.96
C PRO A 121 -18.99 -2.11 9.03
N GLU A 122 -18.08 -1.62 9.86
CA GLU A 122 -18.45 -0.75 10.97
C GLU A 122 -18.58 0.72 10.56
N LEU A 123 -17.67 1.17 9.68
CA LEU A 123 -17.67 2.59 9.24
C LEU A 123 -18.90 2.96 8.44
N ILE A 124 -19.26 2.06 7.53
CA ILE A 124 -20.43 2.27 6.68
C ILE A 124 -21.75 1.93 7.40
N SER A 125 -22.56 2.97 7.53
CA SER A 125 -23.89 2.76 8.13
C SER A 125 -24.87 2.24 7.11
N GLU A 126 -24.87 2.88 5.93
CA GLU A 126 -25.72 2.51 4.81
C GLU A 126 -25.16 2.91 3.45
N VAL A 127 -25.42 2.06 2.47
CA VAL A 127 -25.07 2.32 1.07
C VAL A 127 -26.43 2.41 0.37
N LYS A 128 -26.74 3.53 -0.25
CA LYS A 128 -28.04 3.63 -0.94
C LYS A 128 -28.07 4.26 -2.34
N LYS A 129 -29.07 3.77 -3.06
CA LYS A 129 -29.42 4.19 -4.42
C LYS A 129 -30.29 5.45 -4.32
N VAL A 130 -29.91 6.53 -4.96
CA VAL A 130 -30.67 7.75 -4.98
C VAL A 130 -31.52 7.71 -6.26
N ASP A 131 -30.87 7.40 -7.37
CA ASP A 131 -31.56 7.20 -8.66
C ASP A 131 -30.70 6.27 -9.49
N ASP A 132 -31.00 6.04 -10.76
CA ASP A 132 -30.17 5.11 -11.52
C ASP A 132 -28.74 5.61 -11.74
N ASN A 133 -28.44 6.88 -11.50
CA ASN A 133 -27.10 7.41 -11.75
C ASN A 133 -26.46 8.08 -10.57
N THR A 134 -27.00 7.82 -9.38
CA THR A 134 -26.58 8.44 -8.13
C THR A 134 -26.67 7.49 -6.93
N VAL A 135 -25.56 7.45 -6.20
CA VAL A 135 -25.37 6.57 -5.05
C VAL A 135 -24.87 7.38 -3.85
N GLN A 136 -25.36 7.03 -2.66
CA GLN A 136 -24.91 7.63 -1.40
C GLN A 136 -24.47 6.54 -0.42
N PHE A 137 -23.49 7.00 0.36
CA PHE A 137 -22.88 6.25 1.44
C PHE A 137 -23.03 7.11 2.71
N VAL A 138 -23.63 6.53 3.77
CA VAL A 138 -23.58 7.36 5.02
C VAL A 138 -22.75 6.52 6.02
N LEU A 139 -21.81 7.24 6.60
CA LEU A 139 -20.81 6.72 7.51
C LEU A 139 -21.15 6.94 8.98
N THR A 140 -20.48 6.24 9.86
CA THR A 140 -20.70 6.44 11.31
C THR A 140 -19.82 7.52 11.87
N ARG A 141 -18.88 8.03 11.10
CA ARG A 141 -18.04 9.19 11.41
C ARG A 141 -17.40 9.77 10.15
N PRO A 142 -16.94 11.01 10.26
CA PRO A 142 -16.15 11.69 9.22
C PRO A 142 -14.87 10.92 9.02
N GLU A 143 -14.53 10.69 7.78
CA GLU A 143 -13.38 9.89 7.42
C GLU A 143 -12.89 10.20 6.00
N ALA A 144 -11.97 11.17 6.06
CA ALA A 144 -11.28 11.66 4.81
C ALA A 144 -10.60 10.56 4.00
N PRO A 145 -9.98 9.53 4.61
CA PRO A 145 -9.42 8.42 3.84
C PRO A 145 -10.46 7.55 3.18
N PHE A 146 -11.77 7.80 3.39
CA PHE A 146 -12.75 6.90 2.72
C PHE A 146 -12.65 6.93 1.20
N LEU A 147 -12.34 8.07 0.60
CA LEU A 147 -12.18 8.10 -0.87
C LEU A 147 -11.03 7.24 -1.35
N ALA A 148 -9.92 7.22 -0.65
CA ALA A 148 -8.76 6.36 -0.99
C ALA A 148 -9.11 4.88 -0.81
N ASP A 149 -9.92 4.55 0.19
CA ASP A 149 -10.41 3.16 0.34
C ASP A 149 -11.20 2.72 -0.90
N LEU A 150 -12.11 3.55 -1.42
CA LEU A 150 -12.88 3.26 -2.66
C LEU A 150 -12.07 3.18 -3.94
N ALA A 151 -10.81 3.59 -3.93
CA ALA A 151 -9.91 3.44 -5.08
C ALA A 151 -9.12 2.13 -4.99
N MET A 152 -9.29 1.36 -3.91
CA MET A 152 -8.53 0.10 -3.72
C MET A 152 -9.11 -1.03 -4.55
N ASP A 153 -8.34 -2.03 -4.90
CA ASP A 153 -8.78 -3.15 -5.75
C ASP A 153 -10.00 -3.89 -5.29
N PHE A 154 -10.19 -4.10 -4.00
CA PHE A 154 -11.38 -4.84 -3.49
C PHE A 154 -12.68 -4.12 -3.78
N ALA A 155 -12.57 -2.82 -4.10
CA ALA A 155 -13.75 -1.96 -4.35
C ALA A 155 -14.18 -1.83 -5.81
N SER A 156 -13.61 -2.70 -6.66
CA SER A 156 -13.98 -2.86 -8.07
C SER A 156 -15.48 -3.10 -8.25
N ILE A 157 -16.07 -2.47 -9.26
CA ILE A 157 -17.55 -2.62 -9.45
C ILE A 157 -17.91 -3.83 -10.31
N LEU A 158 -18.89 -4.62 -9.82
CA LEU A 158 -19.33 -5.82 -10.52
C LEU A 158 -20.67 -5.57 -11.20
N SER A 159 -20.97 -6.46 -12.14
CA SER A 159 -22.24 -6.32 -12.89
C SER A 159 -23.44 -6.99 -12.21
N LYS A 160 -24.46 -6.19 -11.88
CA LYS A 160 -25.65 -6.80 -11.24
C LYS A 160 -26.48 -7.58 -12.27
N GLU A 161 -26.53 -7.13 -13.51
CA GLU A 161 -27.28 -7.80 -14.56
C GLU A 161 -26.72 -9.20 -14.76
N TYR A 162 -25.39 -9.23 -14.82
CA TYR A 162 -24.70 -10.53 -14.98
C TYR A 162 -24.87 -11.39 -13.74
N ALA A 163 -24.78 -10.80 -12.53
CA ALA A 163 -24.94 -11.61 -11.29
C ALA A 163 -26.32 -12.28 -11.20
N ASP A 164 -27.35 -11.48 -11.52
CA ASP A 164 -28.74 -11.93 -11.60
C ASP A 164 -28.81 -13.15 -12.52
N ALA A 165 -28.35 -12.95 -13.76
CA ALA A 165 -28.27 -14.03 -14.74
C ALA A 165 -27.62 -15.31 -14.22
N MET A 166 -26.43 -15.23 -13.65
CA MET A 166 -25.69 -16.41 -13.16
C MET A 166 -26.39 -17.03 -11.94
N MET A 167 -27.10 -16.21 -11.18
CA MET A 167 -27.86 -16.79 -10.04
C MET A 167 -29.10 -17.50 -10.63
N LYS A 168 -29.57 -16.97 -11.75
CA LYS A 168 -30.68 -17.53 -12.49
C LYS A 168 -30.34 -18.85 -13.18
N ALA A 169 -29.16 -19.00 -13.72
CA ALA A 169 -28.75 -20.23 -14.40
C ALA A 169 -28.28 -21.32 -13.42
N GLY A 170 -28.37 -21.01 -12.13
CA GLY A 170 -27.97 -21.83 -11.02
C GLY A 170 -26.49 -22.03 -10.93
N THR A 171 -25.71 -21.01 -11.34
CA THR A 171 -24.25 -21.09 -11.38
C THR A 171 -23.61 -19.76 -10.98
N PRO A 172 -24.01 -19.31 -9.79
CA PRO A 172 -23.53 -18.04 -9.23
C PRO A 172 -22.04 -17.94 -9.11
N GLU A 173 -21.27 -19.01 -8.93
CA GLU A 173 -19.81 -18.93 -8.84
C GLU A 173 -19.19 -18.43 -10.16
N LYS A 174 -19.94 -18.36 -11.24
CA LYS A 174 -19.39 -17.97 -12.56
C LYS A 174 -19.13 -16.47 -12.63
N LEU A 175 -19.77 -15.72 -11.76
CA LEU A 175 -19.59 -14.28 -11.60
C LEU A 175 -18.15 -14.01 -11.14
N ASP A 176 -17.63 -14.93 -10.33
CA ASP A 176 -16.31 -14.87 -9.75
C ASP A 176 -15.23 -15.52 -10.62
N LEU A 177 -15.62 -16.53 -11.39
CA LEU A 177 -14.66 -17.27 -12.20
C LEU A 177 -14.59 -16.80 -13.64
N ASN A 178 -15.64 -16.23 -14.18
CA ASN A 178 -15.69 -15.76 -15.59
C ASN A 178 -16.08 -14.28 -15.59
N PRO A 179 -15.03 -13.47 -15.43
CA PRO A 179 -15.22 -12.05 -15.16
C PRO A 179 -15.88 -11.21 -16.24
N ILE A 180 -16.72 -10.30 -15.78
CA ILE A 180 -17.34 -9.30 -16.63
C ILE A 180 -17.05 -7.95 -15.96
N GLY A 181 -16.38 -7.00 -16.61
CA GLY A 181 -16.11 -5.71 -15.99
C GLY A 181 -16.31 -4.56 -16.97
N THR A 182 -15.92 -3.38 -16.52
CA THR A 182 -15.96 -2.18 -17.35
C THR A 182 -14.55 -1.76 -17.78
N GLY A 183 -13.52 -2.46 -17.35
CA GLY A 183 -12.13 -2.08 -17.55
C GLY A 183 -11.60 -2.12 -18.96
N PRO A 184 -10.37 -1.63 -19.14
CA PRO A 184 -9.75 -1.44 -20.46
C PRO A 184 -9.45 -2.68 -21.24
N PHE A 185 -9.21 -3.84 -20.59
CA PHE A 185 -8.96 -5.13 -21.22
C PHE A 185 -10.11 -6.10 -20.91
N GLN A 186 -10.27 -7.11 -21.76
CA GLN A 186 -11.24 -8.19 -21.54
C GLN A 186 -10.44 -9.51 -21.55
N LEU A 187 -10.90 -10.46 -20.74
CA LEU A 187 -10.22 -11.75 -20.60
C LEU A 187 -10.61 -12.66 -21.77
N GLN A 188 -9.61 -13.19 -22.45
CA GLN A 188 -9.86 -14.05 -23.61
C GLN A 188 -9.57 -15.51 -23.31
N GLN A 189 -8.49 -15.82 -22.63
CA GLN A 189 -8.15 -17.20 -22.33
C GLN A 189 -7.35 -17.29 -21.03
N TYR A 190 -7.46 -18.39 -20.32
CA TYR A 190 -6.60 -18.58 -19.15
C TYR A 190 -6.22 -20.03 -18.95
N GLN A 191 -4.96 -20.29 -18.61
CA GLN A 191 -4.48 -21.65 -18.29
C GLN A 191 -3.51 -21.55 -17.13
N LYS A 192 -3.81 -22.04 -15.96
CA LYS A 192 -3.00 -21.78 -14.75
C LYS A 192 -1.53 -22.16 -14.82
N ASP A 193 -1.15 -23.23 -15.52
CA ASP A 193 0.29 -23.55 -15.55
C ASP A 193 1.02 -22.88 -16.70
N SER A 194 0.37 -22.01 -17.47
CA SER A 194 1.02 -21.39 -18.62
C SER A 194 0.80 -19.89 -18.80
N ARG A 195 -0.43 -19.50 -19.18
CA ARG A 195 -0.62 -18.06 -19.47
C ARG A 195 -2.05 -17.56 -19.57
N ILE A 196 -2.13 -16.22 -19.48
CA ILE A 196 -3.33 -15.42 -19.49
C ILE A 196 -3.31 -14.53 -20.74
N ARG A 197 -4.43 -14.50 -21.43
CA ARG A 197 -4.53 -13.69 -22.63
C ARG A 197 -5.78 -12.78 -22.56
N TYR A 198 -5.48 -11.52 -22.79
CA TYR A 198 -6.38 -10.41 -22.80
C TYR A 198 -6.38 -9.68 -24.15
N LYS A 199 -7.47 -8.95 -24.39
CA LYS A 199 -7.56 -8.06 -25.55
C LYS A 199 -8.17 -6.70 -25.15
N ALA A 200 -7.66 -5.69 -25.83
CA ALA A 200 -8.21 -4.33 -25.62
C ALA A 200 -9.73 -4.38 -25.76
N PHE A 201 -10.40 -3.75 -24.81
CA PHE A 201 -11.87 -3.65 -24.79
C PHE A 201 -12.34 -2.55 -25.73
N ASP A 202 -12.88 -2.92 -26.89
CA ASP A 202 -13.35 -1.86 -27.80
C ASP A 202 -14.40 -0.89 -27.31
N GLY A 203 -15.27 -1.31 -26.39
CA GLY A 203 -16.30 -0.47 -25.83
C GLY A 203 -15.86 0.42 -24.67
N TYR A 204 -14.56 0.43 -24.36
CA TYR A 204 -14.10 1.10 -23.13
C TYR A 204 -14.56 2.56 -23.08
N TRP A 205 -15.04 2.95 -21.90
CA TRP A 205 -15.44 4.32 -21.66
C TRP A 205 -14.27 5.29 -21.78
N GLY A 206 -13.10 4.86 -21.34
CA GLY A 206 -11.92 5.71 -21.35
C GLY A 206 -11.22 5.62 -22.71
N THR A 207 -9.92 5.97 -22.69
CA THR A 207 -9.19 5.88 -23.97
C THR A 207 -8.70 4.45 -24.10
N LYS A 208 -9.08 3.81 -25.18
CA LYS A 208 -8.68 2.47 -25.53
C LYS A 208 -7.18 2.21 -25.42
N PRO A 209 -6.81 1.09 -24.80
CA PRO A 209 -5.41 0.69 -24.74
C PRO A 209 -4.70 0.76 -26.09
N GLN A 210 -3.41 1.15 -26.17
CA GLN A 210 -2.75 1.06 -27.48
C GLN A 210 -2.25 -0.34 -27.73
N ILE A 211 -2.27 -1.21 -26.74
CA ILE A 211 -1.84 -2.60 -26.86
C ILE A 211 -3.09 -3.38 -27.19
N ASP A 212 -3.09 -4.07 -28.30
CA ASP A 212 -4.26 -4.84 -28.68
C ASP A 212 -4.43 -6.17 -27.95
N THR A 213 -3.32 -6.85 -27.77
CA THR A 213 -3.22 -8.16 -27.13
C THR A 213 -2.22 -8.13 -25.97
N LEU A 214 -2.74 -8.44 -24.80
CA LEU A 214 -1.88 -8.46 -23.58
C LEU A 214 -1.83 -9.89 -23.07
N VAL A 215 -0.60 -10.41 -22.95
CA VAL A 215 -0.32 -11.76 -22.55
C VAL A 215 0.48 -11.82 -21.27
N PHE A 216 0.02 -12.62 -20.32
CA PHE A 216 0.79 -12.84 -19.08
C PHE A 216 1.46 -14.24 -19.15
N SER A 217 2.78 -14.26 -19.09
CA SER A 217 3.46 -15.56 -19.04
C SER A 217 3.88 -15.83 -17.61
N ILE A 218 3.17 -16.76 -16.95
CA ILE A 218 3.38 -17.09 -15.53
C ILE A 218 4.69 -17.81 -15.32
N THR A 219 5.58 -17.10 -14.65
CA THR A 219 6.98 -17.41 -14.42
C THR A 219 7.48 -17.12 -13.03
N PRO A 220 7.30 -18.11 -12.11
CA PRO A 220 7.66 -17.87 -10.70
C PRO A 220 9.14 -17.66 -10.43
N ASP A 221 10.02 -18.27 -11.21
CA ASP A 221 11.47 -18.12 -11.01
C ASP A 221 12.02 -16.84 -11.66
N ALA A 222 12.63 -15.96 -10.85
CA ALA A 222 13.07 -14.62 -11.24
C ALA A 222 14.26 -14.60 -12.20
N SER A 223 15.06 -15.66 -12.20
CA SER A 223 16.17 -15.83 -13.11
C SER A 223 15.67 -16.15 -14.50
N VAL A 224 14.61 -16.94 -14.54
CA VAL A 224 13.98 -17.29 -15.82
C VAL A 224 13.25 -16.06 -16.31
N ARG A 225 12.69 -15.23 -15.42
CA ARG A 225 12.05 -14.00 -15.93
C ARG A 225 13.09 -13.15 -16.70
N TYR A 226 14.23 -12.89 -16.07
CA TYR A 226 15.25 -12.06 -16.70
C TYR A 226 15.77 -12.77 -17.96
N ALA A 227 15.85 -14.09 -17.96
CA ALA A 227 16.35 -14.75 -19.20
C ALA A 227 15.37 -14.52 -20.34
N LYS A 228 14.09 -14.59 -20.06
CA LYS A 228 13.01 -14.37 -21.03
C LYS A 228 12.98 -12.93 -21.52
N LEU A 229 13.31 -12.01 -20.61
CA LEU A 229 13.36 -10.60 -20.93
C LEU A 229 14.51 -10.35 -21.93
N GLN A 230 15.62 -11.02 -21.71
CA GLN A 230 16.79 -10.86 -22.60
C GLN A 230 16.57 -11.35 -24.03
N LYS A 231 15.83 -12.43 -24.17
CA LYS A 231 15.39 -12.96 -25.46
C LYS A 231 14.25 -12.25 -26.17
N ASN A 232 13.65 -11.26 -25.56
CA ASN A 232 12.49 -10.51 -25.94
C ASN A 232 11.26 -11.42 -26.00
N GLU A 233 11.22 -12.42 -25.13
CA GLU A 233 10.08 -13.31 -24.96
C GLU A 233 9.07 -12.60 -24.07
N CYS A 234 9.49 -11.67 -23.25
CA CYS A 234 8.60 -10.80 -22.49
C CYS A 234 9.35 -9.46 -22.49
N GLN A 235 8.59 -8.38 -22.33
CA GLN A 235 9.08 -6.99 -22.36
C GLN A 235 9.04 -6.33 -21.01
N VAL A 236 8.26 -6.86 -20.09
CA VAL A 236 8.20 -6.33 -18.70
C VAL A 236 8.22 -7.50 -17.70
N MET A 237 8.82 -7.26 -16.54
CA MET A 237 8.91 -8.23 -15.44
C MET A 237 9.03 -7.52 -14.10
N PRO A 238 8.51 -8.12 -13.01
CA PRO A 238 8.63 -7.63 -11.64
C PRO A 238 9.66 -8.35 -10.82
N TYR A 239 9.97 -7.85 -9.62
CA TYR A 239 10.84 -8.47 -8.62
C TYR A 239 12.03 -9.27 -9.16
N PRO A 240 12.99 -8.53 -9.71
CA PRO A 240 14.22 -9.15 -10.19
C PRO A 240 15.01 -9.78 -9.06
N ASN A 241 15.89 -10.72 -9.33
CA ASN A 241 16.81 -11.20 -8.30
C ASN A 241 17.72 -10.05 -7.88
N PRO A 242 17.90 -9.92 -6.55
CA PRO A 242 18.77 -8.89 -5.95
C PRO A 242 20.16 -8.92 -6.54
N ALA A 243 20.62 -10.12 -6.84
CA ALA A 243 21.87 -10.42 -7.50
C ALA A 243 21.93 -9.89 -8.92
N ASP A 244 20.80 -9.76 -9.62
CA ASP A 244 20.80 -9.31 -11.02
C ASP A 244 20.79 -7.81 -11.18
N ILE A 245 20.60 -7.04 -10.10
CA ILE A 245 20.44 -5.58 -10.27
C ILE A 245 21.64 -4.90 -10.94
N ALA A 246 22.84 -5.27 -10.54
CA ALA A 246 24.04 -4.66 -11.14
C ALA A 246 24.07 -4.90 -12.64
N ARG A 247 23.86 -6.12 -13.11
CA ARG A 247 23.87 -6.38 -14.57
C ARG A 247 22.80 -5.61 -15.35
N MET A 248 21.57 -5.54 -14.84
CA MET A 248 20.41 -4.87 -15.42
C MET A 248 20.63 -3.38 -15.59
N LYS A 249 21.44 -2.84 -14.69
CA LYS A 249 21.82 -1.43 -14.71
C LYS A 249 22.71 -1.18 -15.92
N GLN A 250 23.46 -2.20 -16.32
CA GLN A 250 24.32 -1.97 -17.50
C GLN A 250 23.74 -2.49 -18.81
N ASP A 251 22.61 -3.16 -18.75
CA ASP A 251 21.89 -3.73 -19.89
C ASP A 251 21.24 -2.67 -20.75
N LYS A 252 21.83 -2.43 -21.93
CA LYS A 252 21.35 -1.37 -22.82
C LYS A 252 20.06 -1.62 -23.59
N SER A 253 19.45 -2.79 -23.51
CA SER A 253 18.18 -3.14 -24.09
C SER A 253 17.01 -2.81 -23.16
N ILE A 254 17.28 -2.36 -21.92
CA ILE A 254 16.23 -2.02 -20.97
C ILE A 254 16.39 -0.76 -20.13
N ASN A 255 15.25 -0.21 -19.68
CA ASN A 255 15.32 0.85 -18.69
C ASN A 255 15.06 0.22 -17.30
N LEU A 256 15.98 0.26 -16.36
CA LEU A 256 15.76 -0.34 -15.04
C LEU A 256 15.07 0.74 -14.21
N MET A 257 13.72 0.70 -14.21
CA MET A 257 13.03 1.79 -13.48
C MET A 257 12.99 1.60 -11.97
N GLU A 258 13.19 2.71 -11.25
CA GLU A 258 13.23 2.69 -9.78
C GLU A 258 12.25 3.64 -9.08
N MET A 259 11.87 3.29 -7.85
CA MET A 259 10.97 4.08 -7.02
C MET A 259 10.97 3.61 -5.57
N PRO A 260 10.87 4.54 -4.63
CA PRO A 260 10.62 4.20 -3.22
C PRO A 260 9.41 3.30 -3.05
N GLY A 261 9.45 2.27 -2.20
CA GLY A 261 8.27 1.42 -1.98
C GLY A 261 7.34 2.12 -0.99
N LEU A 262 6.10 1.66 -0.94
CA LEU A 262 5.09 2.25 -0.05
C LEU A 262 5.23 1.74 1.36
N ASN A 263 6.40 1.98 1.99
CA ASN A 263 6.68 1.34 3.29
C ASN A 263 7.71 2.11 4.08
N VAL A 264 7.95 1.65 5.31
CA VAL A 264 8.94 2.26 6.23
C VAL A 264 9.34 1.26 7.33
N GLY A 265 10.62 1.36 7.70
CA GLY A 265 11.23 0.51 8.75
C GLY A 265 11.72 1.45 9.87
N TYR A 266 11.39 1.13 11.13
CA TYR A 266 11.78 1.99 12.25
C TYR A 266 12.06 1.20 13.53
N LEU A 267 12.75 1.85 14.45
CA LEU A 267 13.07 1.36 15.78
C LEU A 267 12.32 2.23 16.80
N SER A 268 11.26 1.65 17.40
CA SER A 268 10.49 2.39 18.39
C SER A 268 11.19 2.44 19.77
N TYR A 269 11.08 3.62 20.38
CA TYR A 269 11.47 3.86 21.74
C TYR A 269 10.23 3.85 22.63
N ASN A 270 10.09 2.90 23.55
CA ASN A 270 8.93 2.83 24.46
C ASN A 270 9.04 3.94 25.49
N VAL A 271 8.36 5.07 25.27
CA VAL A 271 8.48 6.28 26.10
C VAL A 271 7.92 6.08 27.52
N GLN A 272 7.28 4.94 27.78
CA GLN A 272 6.85 4.59 29.14
C GLN A 272 7.96 3.99 29.98
N LYS A 273 9.08 3.60 29.38
CA LYS A 273 10.19 2.96 30.07
C LYS A 273 11.35 3.94 30.23
N LYS A 274 11.64 4.35 31.46
CA LYS A 274 12.81 5.18 31.74
C LYS A 274 14.12 4.52 31.33
N PRO A 275 15.09 5.28 30.83
CA PRO A 275 15.06 6.71 30.61
C PRO A 275 14.55 7.22 29.27
N LEU A 276 13.86 6.42 28.50
CA LEU A 276 13.27 6.67 27.19
C LEU A 276 12.06 7.60 27.26
N ASP A 277 11.62 8.01 28.44
CA ASP A 277 10.57 9.03 28.55
C ASP A 277 11.07 10.45 28.28
N ASP A 278 12.36 10.67 28.35
CA ASP A 278 13.00 11.98 28.14
C ASP A 278 13.41 12.15 26.68
N VAL A 279 12.89 13.21 26.06
CA VAL A 279 13.11 13.50 24.64
C VAL A 279 14.59 13.63 24.32
N LYS A 280 15.32 14.21 25.28
CA LYS A 280 16.77 14.36 25.12
C LYS A 280 17.49 13.03 24.95
N VAL A 281 16.98 11.99 25.64
CA VAL A 281 17.62 10.66 25.56
C VAL A 281 17.35 10.00 24.19
N ARG A 282 16.08 10.14 23.78
CA ARG A 282 15.65 9.61 22.46
C ARG A 282 16.47 10.25 21.34
N GLN A 283 16.69 11.54 21.45
CA GLN A 283 17.49 12.29 20.49
C GLN A 283 18.92 11.79 20.47
N ALA A 284 19.46 11.60 21.68
CA ALA A 284 20.85 11.14 21.80
C ALA A 284 21.11 9.80 21.09
N LEU A 285 20.17 8.86 21.33
CA LEU A 285 20.30 7.54 20.71
C LEU A 285 20.21 7.65 19.20
N THR A 286 19.50 8.64 18.71
CA THR A 286 19.33 8.86 17.28
C THR A 286 20.55 9.48 16.69
N TYR A 287 21.12 10.50 17.33
CA TYR A 287 22.38 11.09 16.85
C TYR A 287 23.55 10.13 16.88
N ALA A 288 23.54 9.21 17.85
CA ALA A 288 24.68 8.30 18.02
C ALA A 288 24.86 7.30 16.89
N VAL A 289 23.77 7.03 16.17
CA VAL A 289 23.70 6.00 15.13
C VAL A 289 24.20 6.51 13.76
N ASN A 290 25.01 5.68 13.11
CA ASN A 290 25.57 5.96 11.81
C ASN A 290 24.68 5.31 10.76
N LYS A 291 23.63 6.06 10.44
CA LYS A 291 22.62 5.52 9.49
C LYS A 291 23.11 5.30 8.06
N ASP A 292 24.02 6.15 7.58
CA ASP A 292 24.52 5.88 6.21
C ASP A 292 25.16 4.50 6.15
N ALA A 293 25.93 4.15 7.19
CA ALA A 293 26.60 2.84 7.24
C ALA A 293 25.58 1.71 7.22
N ILE A 294 24.48 1.89 7.94
CA ILE A 294 23.40 0.88 7.97
C ILE A 294 22.74 0.72 6.60
N ILE A 295 22.37 1.85 5.96
CA ILE A 295 21.75 1.72 4.61
C ILE A 295 22.58 0.94 3.60
N LYS A 296 23.87 1.23 3.61
CA LYS A 296 24.86 0.56 2.79
C LYS A 296 25.01 -0.90 3.11
N ALA A 297 25.31 -1.27 4.35
CA ALA A 297 25.57 -2.64 4.76
C ALA A 297 24.34 -3.55 4.83
N VAL A 298 23.21 -2.99 5.29
CA VAL A 298 22.01 -3.82 5.42
C VAL A 298 21.17 -3.88 4.16
N TYR A 299 20.90 -2.77 3.49
CA TYR A 299 19.99 -2.72 2.35
C TYR A 299 20.72 -2.98 1.04
N GLN A 300 22.01 -2.60 0.99
CA GLN A 300 22.83 -2.79 -0.18
C GLN A 300 22.16 -2.45 -1.50
N GLY A 301 21.68 -1.24 -1.62
CA GLY A 301 21.04 -0.76 -2.84
C GLY A 301 19.56 -0.99 -2.93
N ALA A 302 18.97 -1.79 -2.04
CA ALA A 302 17.52 -2.03 -2.11
C ALA A 302 16.77 -1.19 -1.09
N GLY A 303 17.36 -0.05 -0.70
CA GLY A 303 16.67 0.88 0.19
C GLY A 303 17.33 2.24 0.27
N VAL A 304 16.60 3.22 0.77
CA VAL A 304 17.09 4.58 0.95
C VAL A 304 16.74 5.13 2.34
N SER A 305 17.69 5.98 2.77
CA SER A 305 17.54 6.63 4.08
C SER A 305 16.17 7.26 4.20
N ALA A 306 15.52 7.14 5.35
CA ALA A 306 14.27 7.84 5.56
C ALA A 306 14.37 8.88 6.66
N LYS A 307 13.81 10.09 6.40
CA LYS A 307 13.69 11.14 7.39
C LYS A 307 12.27 11.42 7.86
N ASN A 308 11.25 10.93 7.24
CA ASN A 308 9.83 11.07 7.49
C ASN A 308 9.16 9.69 7.48
N LEU A 309 8.10 9.53 8.26
CA LEU A 309 7.41 8.23 8.29
C LEU A 309 6.87 7.76 6.93
N ILE A 310 6.38 8.68 6.09
CA ILE A 310 5.81 8.32 4.79
C ILE A 310 6.88 8.52 3.71
N PRO A 311 6.89 7.66 2.68
CA PRO A 311 7.83 7.77 1.56
C PRO A 311 7.52 8.98 0.69
N PRO A 312 8.47 9.49 -0.12
CA PRO A 312 8.25 10.67 -0.95
C PRO A 312 7.28 10.49 -2.11
N THR A 313 6.81 9.26 -2.34
CA THR A 313 5.84 8.98 -3.37
C THR A 313 4.41 9.33 -2.94
N MET A 314 4.20 9.52 -1.64
CA MET A 314 2.88 9.93 -1.13
C MET A 314 2.71 11.44 -1.06
N TRP A 315 1.51 11.96 -1.20
CA TRP A 315 1.25 13.40 -1.02
C TRP A 315 1.32 13.75 0.46
N GLY A 316 1.54 15.02 0.79
CA GLY A 316 1.75 15.51 2.14
C GLY A 316 3.19 15.31 2.66
N TYR A 317 4.12 14.88 1.83
CA TYR A 317 5.51 14.65 2.26
C TYR A 317 6.23 15.95 2.53
N ASN A 318 6.88 16.07 3.69
CA ASN A 318 7.60 17.34 4.01
C ASN A 318 9.09 17.23 3.71
N ASP A 319 9.43 17.81 2.54
CA ASP A 319 10.83 17.74 2.08
C ASP A 319 11.69 18.81 2.77
N ASP A 320 11.10 19.67 3.59
CA ASP A 320 11.83 20.66 4.34
C ASP A 320 12.41 20.08 5.63
N VAL A 321 12.01 18.93 6.09
CA VAL A 321 12.67 18.35 7.27
C VAL A 321 14.14 18.02 6.91
N GLN A 322 15.05 18.34 7.82
CA GLN A 322 16.45 18.00 7.77
C GLN A 322 16.71 16.85 8.75
N ASP A 323 17.11 15.69 8.25
CA ASP A 323 17.28 14.54 9.15
C ASP A 323 18.38 14.72 10.19
N TYR A 324 18.27 13.96 11.28
CA TYR A 324 19.34 13.87 12.27
C TYR A 324 20.65 13.52 11.58
N THR A 325 21.76 14.11 12.01
CA THR A 325 23.09 13.77 11.56
C THR A 325 23.65 12.63 12.41
N TYR A 326 24.79 12.12 12.03
CA TYR A 326 25.56 11.13 12.80
C TYR A 326 26.51 11.95 13.66
N ASP A 327 26.30 12.09 14.95
CA ASP A 327 27.08 12.99 15.81
C ASP A 327 27.15 12.50 17.23
N PRO A 328 28.14 11.64 17.47
CA PRO A 328 28.37 11.08 18.81
C PRO A 328 28.60 12.08 19.92
N GLU A 329 29.24 13.19 19.51
CA GLU A 329 29.61 14.23 20.49
C GLU A 329 28.36 14.92 20.95
N LYS A 330 27.44 15.14 20.00
CA LYS A 330 26.16 15.77 20.39
C LYS A 330 25.33 14.83 21.25
N ALA A 331 25.43 13.54 20.92
CA ALA A 331 24.72 12.50 21.72
C ALA A 331 25.21 12.48 23.18
N LYS A 332 26.52 12.53 23.41
CA LYS A 332 27.12 12.63 24.76
C LYS A 332 26.70 13.88 25.51
N ALA A 333 26.68 15.02 24.77
CA ALA A 333 26.21 16.25 25.41
C ALA A 333 24.76 16.13 25.86
N LEU A 334 23.92 15.50 25.04
CA LEU A 334 22.49 15.29 25.32
C LEU A 334 22.24 14.41 26.54
N LEU A 335 23.03 13.35 26.58
CA LEU A 335 23.04 12.38 27.70
C LEU A 335 23.42 13.03 29.03
N LYS A 336 24.43 13.87 29.01
CA LYS A 336 24.83 14.70 30.16
C LYS A 336 23.76 15.66 30.69
N GLU A 337 23.13 16.42 29.78
CA GLU A 337 22.01 17.27 30.12
C GLU A 337 20.81 16.56 30.71
N ALA A 338 20.59 15.30 30.27
CA ALA A 338 19.54 14.41 30.73
C ALA A 338 19.89 13.81 32.11
N GLY A 339 21.10 14.06 32.58
CA GLY A 339 21.64 13.55 33.80
C GLY A 339 22.11 12.11 33.68
N LEU A 340 22.54 11.67 32.53
CA LEU A 340 22.96 10.30 32.23
C LEU A 340 24.30 10.32 31.54
N GLU A 341 25.18 11.18 32.05
CA GLU A 341 26.53 11.36 31.54
C GLU A 341 27.19 10.00 31.34
N LYS A 342 26.90 9.13 32.29
CA LYS A 342 27.41 7.78 32.34
C LYS A 342 26.73 6.63 31.63
N GLY A 343 25.74 6.99 30.84
CA GLY A 343 25.03 5.96 30.10
C GLY A 343 24.20 5.12 31.07
N PHE A 344 23.74 4.02 30.45
CA PHE A 344 22.83 3.07 31.07
C PHE A 344 22.73 1.85 30.18
N SER A 345 21.92 0.90 30.63
CA SER A 345 21.71 -0.36 29.89
C SER A 345 20.27 -0.39 29.35
N ILE A 346 20.09 -1.06 28.24
CA ILE A 346 18.81 -1.14 27.52
C ILE A 346 18.69 -2.36 26.61
N ASP A 347 17.44 -2.78 26.33
CA ASP A 347 17.29 -3.92 25.40
C ASP A 347 16.92 -3.41 24.00
N LEU A 348 17.19 -4.22 23.00
CA LEU A 348 17.01 -3.92 21.57
C LEU A 348 16.45 -5.11 20.80
N TRP A 349 15.16 -5.12 20.56
CA TRP A 349 14.52 -6.27 19.90
C TRP A 349 14.81 -6.18 18.40
N ALA A 350 15.31 -7.26 17.84
CA ALA A 350 15.57 -7.40 16.42
C ALA A 350 14.53 -8.22 15.70
N MET A 351 14.03 -7.77 14.54
CA MET A 351 13.02 -8.55 13.81
C MET A 351 13.47 -9.94 13.42
N PRO A 352 12.64 -10.97 13.64
CA PRO A 352 12.98 -12.33 13.30
C PRO A 352 12.67 -12.70 11.86
N VAL A 353 11.98 -11.83 11.12
CA VAL A 353 11.66 -12.13 9.73
C VAL A 353 12.24 -11.01 8.85
N GLN A 354 12.41 -11.34 7.57
CA GLN A 354 12.95 -10.37 6.59
C GLN A 354 11.83 -9.67 5.83
N ARG A 355 11.94 -8.35 5.74
CA ARG A 355 10.96 -7.48 5.05
C ARG A 355 11.65 -6.49 4.12
N PRO A 356 10.95 -5.98 3.11
CA PRO A 356 11.50 -4.98 2.19
C PRO A 356 11.99 -3.78 2.94
N TYR A 357 11.27 -3.36 3.97
CA TYR A 357 11.66 -2.18 4.76
C TYR A 357 12.76 -2.50 5.77
N ASN A 358 13.20 -3.74 5.92
CA ASN A 358 14.30 -4.13 6.83
C ASN A 358 14.70 -5.58 6.54
N PRO A 359 15.66 -5.71 5.60
CA PRO A 359 16.06 -7.00 5.09
C PRO A 359 17.06 -7.82 5.88
N ASN A 360 17.69 -7.22 6.85
CA ASN A 360 18.66 -7.89 7.72
C ASN A 360 18.71 -7.27 9.12
N ALA A 361 17.72 -7.60 9.94
CA ALA A 361 17.56 -6.98 11.27
C ALA A 361 18.66 -7.43 12.20
N ARG A 362 19.22 -8.61 12.07
CA ARG A 362 20.30 -9.00 12.95
C ARG A 362 21.57 -8.17 12.74
N ARG A 363 21.93 -8.01 11.47
CA ARG A 363 23.09 -7.14 11.17
C ARG A 363 22.88 -5.72 11.68
N MET A 364 21.68 -5.18 11.40
CA MET A 364 21.32 -3.81 11.84
C MET A 364 21.50 -3.56 13.34
N ALA A 365 20.92 -4.47 14.13
CA ALA A 365 21.02 -4.51 15.58
C ALA A 365 22.46 -4.54 16.07
N GLU A 366 23.31 -5.34 15.40
CA GLU A 366 24.73 -5.38 15.79
C GLU A 366 25.42 -4.05 15.55
N MET A 367 24.94 -3.38 14.49
CA MET A 367 25.49 -2.06 14.11
C MET A 367 25.06 -0.98 15.09
N ILE A 368 23.78 -1.00 15.46
CA ILE A 368 23.24 -0.05 16.42
C ILE A 368 23.85 -0.34 17.80
N GLN A 369 24.02 -1.61 18.18
CA GLN A 369 24.69 -1.93 19.46
C GLN A 369 26.11 -1.35 19.49
N ALA A 370 26.88 -1.46 18.41
CA ALA A 370 28.22 -0.87 18.35
C ALA A 370 28.17 0.68 18.48
N ASP A 371 27.25 1.33 17.76
CA ASP A 371 27.11 2.79 17.87
C ASP A 371 26.79 3.25 19.27
N TRP A 372 25.77 2.67 19.90
CA TRP A 372 25.36 3.07 21.25
C TRP A 372 26.46 2.79 22.28
N ALA A 373 27.24 1.73 22.16
CA ALA A 373 28.30 1.43 23.13
C ALA A 373 29.30 2.57 23.28
N LYS A 374 29.52 3.28 22.15
CA LYS A 374 30.44 4.42 22.07
C LYS A 374 29.95 5.64 22.84
N VAL A 375 28.65 5.69 23.18
CA VAL A 375 28.22 6.85 23.97
C VAL A 375 27.86 6.36 25.38
N GLY A 376 28.33 5.15 25.72
CA GLY A 376 28.06 4.60 27.04
C GLY A 376 26.75 3.83 27.23
N VAL A 377 26.15 3.34 26.16
CA VAL A 377 24.84 2.68 26.27
C VAL A 377 25.06 1.22 25.85
N GLN A 378 24.85 0.36 26.86
CA GLN A 378 25.05 -1.09 26.69
C GLN A 378 23.76 -1.80 26.38
N ALA A 379 23.59 -2.15 25.12
CA ALA A 379 22.38 -2.77 24.58
C ALA A 379 22.44 -4.28 24.62
N LYS A 380 21.34 -4.90 24.99
CA LYS A 380 21.14 -6.36 24.95
C LYS A 380 20.26 -6.72 23.76
N ILE A 381 20.75 -7.37 22.72
CA ILE A 381 19.85 -7.74 21.60
C ILE A 381 18.96 -8.92 21.95
N VAL A 382 17.66 -8.80 21.68
CA VAL A 382 16.68 -9.88 21.92
C VAL A 382 15.80 -10.13 20.68
N THR A 383 15.35 -11.40 20.65
CA THR A 383 14.45 -11.78 19.55
C THR A 383 13.60 -12.95 20.02
N TYR A 384 12.52 -13.16 19.33
CA TYR A 384 11.55 -14.20 19.54
C TYR A 384 11.03 -14.56 18.16
N GLU A 385 10.44 -15.73 18.08
CA GLU A 385 9.73 -16.26 16.92
C GLU A 385 8.66 -15.23 16.58
N TRP A 386 8.38 -15.03 15.30
CA TRP A 386 7.47 -13.95 14.82
C TRP A 386 6.16 -13.80 15.56
N GLY A 387 5.36 -14.84 15.69
CA GLY A 387 4.09 -14.70 16.42
C GLY A 387 4.29 -14.17 17.84
N GLU A 388 5.31 -14.70 18.54
CA GLU A 388 5.56 -14.37 19.94
C GLU A 388 6.14 -12.97 20.04
N TYR A 389 7.01 -12.65 19.08
CA TYR A 389 7.64 -11.31 18.96
C TYR A 389 6.50 -10.27 18.93
N LEU A 390 5.58 -10.53 18.00
CA LEU A 390 4.41 -9.66 17.80
C LEU A 390 3.52 -9.55 19.03
N LYS A 391 3.26 -10.71 19.62
CA LYS A 391 2.36 -10.71 20.81
C LYS A 391 2.96 -9.92 21.97
N ARG A 392 4.23 -10.13 22.30
CA ARG A 392 4.86 -9.45 23.43
C ARG A 392 5.07 -7.95 23.19
N ALA A 393 5.51 -7.58 21.98
CA ALA A 393 5.69 -6.16 21.61
C ALA A 393 4.37 -5.39 21.67
N LYS A 394 3.26 -6.07 21.30
CA LYS A 394 1.92 -5.48 21.40
C LYS A 394 1.44 -5.19 22.82
N ASP A 395 1.99 -5.84 23.81
CA ASP A 395 1.77 -5.57 25.23
C ASP A 395 2.85 -4.63 25.78
N GLY A 396 3.74 -4.06 24.96
CA GLY A 396 4.76 -3.16 25.47
C GLY A 396 5.80 -3.79 26.37
N GLU A 397 6.16 -5.05 26.15
CA GLU A 397 7.17 -5.73 26.98
C GLU A 397 8.59 -5.24 26.71
N HIS A 398 8.82 -4.69 25.52
CA HIS A 398 10.12 -4.19 25.10
C HIS A 398 10.50 -2.84 25.68
N GLN A 399 11.81 -2.55 25.59
CA GLN A 399 12.31 -1.20 25.83
C GLN A 399 12.42 -0.56 24.43
N THR A 400 13.13 -1.16 23.45
CA THR A 400 13.18 -0.69 22.06
C THR A 400 12.92 -1.84 21.09
N VAL A 401 12.19 -1.60 19.96
CA VAL A 401 11.88 -2.72 19.03
C VAL A 401 11.81 -2.30 17.57
N MET A 402 12.43 -3.13 16.70
CA MET A 402 12.39 -2.89 15.25
C MET A 402 11.05 -3.39 14.69
N MET A 403 10.37 -2.49 14.00
CA MET A 403 9.10 -2.79 13.35
C MET A 403 9.02 -2.04 12.00
N GLY A 404 7.87 -2.00 11.32
CA GLY A 404 7.71 -1.26 10.06
C GLY A 404 6.23 -1.30 9.65
N TRP A 405 5.97 -0.78 8.45
CA TRP A 405 4.61 -0.76 7.91
C TRP A 405 4.62 -0.72 6.40
N THR A 406 3.65 -1.34 5.79
CA THR A 406 3.39 -1.28 4.34
C THR A 406 2.02 -0.64 4.18
N GLY A 407 1.93 0.38 3.37
CA GLY A 407 0.70 1.15 3.17
C GLY A 407 -0.43 0.37 2.54
N ASP A 408 -1.70 0.59 2.91
CA ASP A 408 -2.84 -0.05 2.32
C ASP A 408 -3.46 0.82 1.24
N ASN A 409 -3.75 2.08 1.54
CA ASN A 409 -4.45 2.96 0.59
C ASN A 409 -3.71 4.16 0.03
N GLY A 410 -2.43 4.38 0.36
CA GLY A 410 -1.69 5.53 -0.17
C GLY A 410 -2.06 6.84 0.54
N ASP A 411 -2.88 6.88 1.58
CA ASP A 411 -3.27 8.01 2.37
C ASP A 411 -2.41 8.17 3.64
N PRO A 412 -1.88 9.36 3.91
CA PRO A 412 -1.04 9.64 5.08
C PRO A 412 -1.59 9.16 6.42
N ASP A 413 -2.94 9.23 6.58
CA ASP A 413 -3.62 8.73 7.78
C ASP A 413 -3.27 7.28 8.12
N ASN A 414 -3.11 6.46 7.10
CA ASN A 414 -2.85 5.02 7.16
C ASN A 414 -1.45 4.67 7.67
N PHE A 415 -0.58 5.69 7.78
CA PHE A 415 0.73 5.60 8.40
C PHE A 415 0.70 6.34 9.76
N PHE A 416 0.38 7.64 9.79
CA PHE A 416 0.49 8.41 11.05
C PHE A 416 -0.42 7.93 12.20
N ALA A 417 -1.70 7.75 11.85
CA ALA A 417 -2.72 7.34 12.82
C ALA A 417 -2.64 5.85 13.14
N THR A 418 -2.42 4.98 12.18
CA THR A 418 -2.37 3.55 12.55
C THR A 418 -1.14 3.27 13.42
N GLU A 419 -0.02 3.96 13.25
CA GLU A 419 1.20 3.61 13.93
C GLU A 419 1.56 4.50 15.09
N PHE A 420 1.14 5.76 15.13
CA PHE A 420 1.63 6.72 16.15
C PHE A 420 0.54 7.48 16.91
N SER A 421 -0.73 7.17 16.80
CA SER A 421 -1.81 7.84 17.54
C SER A 421 -2.01 7.31 18.96
N CYS A 422 -2.75 8.02 19.77
CA CYS A 422 -3.12 7.65 21.12
C CYS A 422 -3.93 6.37 21.03
N ALA A 423 -4.83 6.28 20.05
CA ALA A 423 -5.69 5.06 19.95
C ALA A 423 -4.87 3.81 19.68
N ALA A 424 -3.86 3.99 18.79
CA ALA A 424 -2.94 2.90 18.41
C ALA A 424 -2.13 2.47 19.63
N SER A 425 -1.77 3.39 20.52
CA SER A 425 -1.03 3.09 21.75
C SER A 425 -1.84 2.23 22.71
N GLU A 426 -3.14 2.54 22.85
CA GLU A 426 -4.08 1.75 23.65
C GLU A 426 -4.17 0.33 23.08
N GLN A 427 -4.25 0.29 21.75
CA GLN A 427 -4.30 -0.95 21.00
C GLN A 427 -3.00 -1.76 21.04
N GLY A 428 -1.86 -1.15 21.17
CA GLY A 428 -0.56 -1.79 21.20
C GLY A 428 0.28 -1.69 19.93
N SER A 429 -0.33 -1.35 18.80
CA SER A 429 0.41 -1.23 17.53
C SER A 429 1.23 0.06 17.39
N ASN A 430 1.10 0.98 18.34
CA ASN A 430 1.95 2.16 18.49
C ASN A 430 3.02 1.63 19.45
N TYR A 431 4.11 1.06 18.95
CA TYR A 431 5.16 0.46 19.80
C TYR A 431 6.05 1.42 20.61
N SER A 432 5.84 2.72 20.39
CA SER A 432 6.51 3.80 21.12
C SER A 432 5.62 4.15 22.31
N LYS A 433 4.35 3.73 22.33
CA LYS A 433 3.44 4.09 23.42
C LYS A 433 3.36 5.60 23.59
N TRP A 434 3.55 6.28 22.46
CA TRP A 434 3.58 7.76 22.40
C TRP A 434 2.20 8.36 22.11
N CYS A 435 1.65 9.01 23.12
CA CYS A 435 0.35 9.72 23.04
C CYS A 435 0.69 11.16 23.41
N TYR A 436 0.73 11.99 22.34
CA TYR A 436 1.17 13.38 22.38
C TYR A 436 0.14 14.34 21.80
N LYS A 437 -0.33 15.29 22.61
CA LYS A 437 -1.41 16.22 22.21
C LYS A 437 -1.11 17.06 20.97
N PRO A 438 0.04 17.70 20.87
CA PRO A 438 0.43 18.42 19.64
C PRO A 438 0.34 17.54 18.40
N PHE A 439 0.65 16.24 18.51
CA PHE A 439 0.47 15.31 17.35
C PHE A 439 -1.00 15.04 17.08
N GLU A 440 -1.77 14.72 18.14
CA GLU A 440 -3.19 14.41 18.03
C GLU A 440 -3.96 15.60 17.45
N ASP A 441 -3.48 16.78 17.80
CA ASP A 441 -4.08 18.04 17.37
C ASP A 441 -3.88 18.30 15.89
N LEU A 442 -3.09 17.49 15.22
CA LEU A 442 -2.87 17.55 13.76
C LEU A 442 -3.51 16.39 13.02
N ILE A 443 -3.33 15.15 13.48
CA ILE A 443 -3.89 13.98 12.77
C ILE A 443 -5.40 13.76 12.96
N GLN A 444 -6.01 14.22 14.05
CA GLN A 444 -7.47 14.02 14.13
C GLN A 444 -8.24 14.98 13.23
N PRO A 445 -7.96 16.28 13.25
CA PRO A 445 -8.55 17.22 12.31
C PRO A 445 -8.25 16.84 10.87
N ALA A 446 -7.05 16.34 10.58
CA ALA A 446 -6.66 15.95 9.22
C ALA A 446 -7.49 14.75 8.75
N ARG A 447 -7.84 13.83 9.66
CA ARG A 447 -8.63 12.70 9.14
C ARG A 447 -10.11 13.07 9.08
N ALA A 448 -10.56 14.15 9.71
CA ALA A 448 -11.97 14.52 9.63
C ALA A 448 -12.31 15.51 8.53
N THR A 449 -11.34 16.28 8.07
CA THR A 449 -11.63 17.30 7.06
C THR A 449 -11.58 16.78 5.63
N ASP A 450 -12.37 17.46 4.82
CA ASP A 450 -12.56 17.28 3.40
C ASP A 450 -11.76 18.23 2.49
N ASP A 451 -11.16 19.22 3.08
CA ASP A 451 -10.31 20.20 2.39
C ASP A 451 -8.94 19.62 2.13
N HIS A 452 -8.58 19.21 0.94
CA HIS A 452 -7.29 18.54 0.74
C HIS A 452 -6.13 19.45 1.03
N ASN A 453 -6.30 20.76 0.76
CA ASN A 453 -5.18 21.68 0.99
C ASN A 453 -4.91 21.72 2.50
N LYS A 454 -5.99 21.77 3.27
CA LYS A 454 -5.83 21.76 4.72
C LYS A 454 -5.19 20.43 5.19
N ARG A 455 -5.52 19.32 4.54
CA ARG A 455 -4.95 18.01 4.91
C ARG A 455 -3.44 18.02 4.70
N VAL A 456 -3.01 18.52 3.53
CA VAL A 456 -1.56 18.65 3.26
C VAL A 456 -0.83 19.47 4.32
N GLU A 457 -1.37 20.63 4.72
CA GLU A 457 -0.75 21.46 5.76
C GLU A 457 -0.54 20.68 7.06
N LEU A 458 -1.60 20.00 7.51
CA LEU A 458 -1.63 19.26 8.78
C LEU A 458 -0.61 18.13 8.85
N TYR A 459 -0.53 17.30 7.80
CA TYR A 459 0.41 16.17 7.73
C TYR A 459 1.83 16.65 7.61
N LYS A 460 2.03 17.85 6.99
CA LYS A 460 3.44 18.35 6.91
C LYS A 460 3.96 18.82 8.27
N GLN A 461 3.02 19.40 9.01
CA GLN A 461 3.39 19.83 10.37
C GLN A 461 3.58 18.63 11.28
N ALA A 462 2.81 17.54 11.09
CA ALA A 462 2.92 16.31 11.88
C ALA A 462 4.32 15.71 11.74
N GLN A 463 4.95 15.89 10.58
CA GLN A 463 6.29 15.40 10.30
C GLN A 463 7.30 16.21 11.09
N VAL A 464 6.93 17.46 11.37
CA VAL A 464 7.82 18.33 12.19
C VAL A 464 7.77 17.83 13.63
N VAL A 465 6.57 17.56 14.09
CA VAL A 465 6.38 17.15 15.52
C VAL A 465 7.12 15.85 15.77
N MET A 466 6.94 14.89 14.83
CA MET A 466 7.62 13.60 15.00
C MET A 466 9.13 13.78 15.04
N HIS A 467 9.62 14.64 14.15
CA HIS A 467 11.07 14.89 14.10
C HIS A 467 11.59 15.51 15.40
N ASP A 468 10.90 16.48 15.96
CA ASP A 468 11.33 17.12 17.20
C ASP A 468 11.24 16.18 18.42
N GLN A 469 10.18 15.37 18.47
CA GLN A 469 10.01 14.47 19.64
C GLN A 469 10.66 13.12 19.58
N ALA A 470 11.19 12.73 18.41
CA ALA A 470 11.81 11.45 18.17
C ALA A 470 11.25 10.26 18.96
N PRO A 471 9.96 9.91 18.76
CA PRO A 471 9.38 8.72 19.32
C PRO A 471 9.96 7.43 18.74
N ALA A 472 10.54 7.49 17.55
CA ALA A 472 11.12 6.32 16.89
C ALA A 472 12.34 6.76 16.11
N LEU A 473 13.31 5.89 15.91
CA LEU A 473 14.42 6.14 15.00
C LEU A 473 13.92 5.73 13.62
N ILE A 474 13.57 6.65 12.75
CA ILE A 474 13.15 6.26 11.38
C ILE A 474 14.31 5.79 10.54
N ILE A 475 14.35 4.61 9.95
CA ILE A 475 15.51 4.12 9.24
C ILE A 475 15.42 4.26 7.72
N ALA A 476 14.46 3.62 7.08
CA ALA A 476 14.44 3.63 5.61
C ALA A 476 13.12 3.31 4.96
N HIS A 477 13.11 3.43 3.64
CA HIS A 477 12.02 3.00 2.76
C HIS A 477 12.66 2.00 1.79
N SER A 478 12.03 0.97 1.31
CA SER A 478 12.66 0.09 0.32
C SER A 478 12.80 0.80 -1.04
N THR A 479 13.58 0.21 -1.95
CA THR A 479 13.65 0.70 -3.32
C THR A 479 13.08 -0.37 -4.23
N VAL A 480 12.10 -0.08 -5.07
CA VAL A 480 11.52 -1.01 -6.04
C VAL A 480 12.19 -0.96 -7.38
N PHE A 481 12.50 -2.05 -8.05
CA PHE A 481 13.16 -2.12 -9.35
C PHE A 481 12.26 -2.80 -10.38
N GLU A 482 11.99 -2.15 -11.51
CA GLU A 482 11.13 -2.75 -12.54
C GLU A 482 11.77 -2.68 -13.93
N PRO A 483 12.30 -3.77 -14.42
CA PRO A 483 12.90 -3.86 -15.74
C PRO A 483 11.93 -3.79 -16.88
N VAL A 484 12.03 -2.84 -17.79
CA VAL A 484 11.20 -2.65 -18.95
C VAL A 484 12.03 -2.49 -20.22
N ARG A 485 11.84 -3.35 -21.20
CA ARG A 485 12.56 -3.24 -22.50
C ARG A 485 12.32 -1.89 -23.15
N LYS A 486 13.29 -1.24 -23.74
CA LYS A 486 13.19 0.06 -24.39
C LYS A 486 12.12 0.24 -25.46
N GLU A 487 11.61 -0.77 -26.14
CA GLU A 487 10.56 -0.60 -27.13
C GLU A 487 9.23 -0.23 -26.50
N VAL A 488 9.07 -0.48 -25.20
CA VAL A 488 7.85 -0.19 -24.46
C VAL A 488 7.82 1.30 -24.13
N LYS A 489 6.75 1.97 -24.53
CA LYS A 489 6.68 3.41 -24.24
C LYS A 489 5.50 3.76 -23.32
N GLY A 490 5.71 4.68 -22.41
CA GLY A 490 4.66 5.16 -21.53
C GLY A 490 4.49 4.40 -20.22
N TYR A 491 5.34 3.45 -19.87
CA TYR A 491 5.20 2.74 -18.58
C TYR A 491 5.59 3.60 -17.40
N VAL A 492 4.71 3.65 -16.37
CA VAL A 492 4.96 4.42 -15.16
C VAL A 492 4.88 3.52 -13.92
N VAL A 493 5.88 3.58 -13.06
CA VAL A 493 5.85 2.74 -11.85
C VAL A 493 4.81 3.29 -10.88
N ASP A 494 4.00 2.40 -10.31
CA ASP A 494 2.90 2.65 -9.40
C ASP A 494 3.32 2.55 -7.94
N PRO A 495 3.17 3.66 -7.24
CA PRO A 495 3.44 3.76 -5.80
C PRO A 495 2.69 2.72 -4.96
N LEU A 496 1.53 2.26 -5.43
CA LEU A 496 0.79 1.23 -4.71
C LEU A 496 1.24 -0.17 -5.03
N GLY A 497 2.18 -0.36 -5.96
CA GLY A 497 2.70 -1.68 -6.25
C GLY A 497 2.05 -2.59 -7.25
N LYS A 498 1.10 -2.14 -8.06
CA LYS A 498 0.52 -2.89 -9.16
C LYS A 498 1.34 -2.57 -10.42
N HIS A 499 1.12 -3.36 -11.46
CA HIS A 499 1.77 -3.25 -12.78
C HIS A 499 0.72 -3.05 -13.86
N HIS A 500 0.78 -1.85 -14.45
CA HIS A 500 -0.30 -1.40 -15.35
C HIS A 500 0.05 -1.31 -16.81
N PHE A 501 -0.77 -1.87 -17.71
CA PHE A 501 -0.42 -1.81 -19.15
C PHE A 501 -1.42 -1.12 -20.05
N GLU A 502 -2.39 -0.41 -19.47
CA GLU A 502 -3.42 0.22 -20.27
C GLU A 502 -2.92 1.57 -20.82
N ASN A 503 -1.82 2.12 -20.38
CA ASN A 503 -1.42 3.39 -20.98
C ASN A 503 -0.16 3.25 -21.82
N VAL A 504 0.31 2.05 -22.11
CA VAL A 504 1.55 1.88 -22.86
C VAL A 504 1.34 1.55 -24.35
N SER A 505 2.37 1.84 -25.12
CA SER A 505 2.44 1.40 -26.52
C SER A 505 3.77 0.65 -26.72
N ILE A 506 3.82 -0.09 -27.82
CA ILE A 506 5.02 -0.89 -28.12
C ILE A 506 5.54 -0.54 -29.51
N GLU A 507 6.80 -0.19 -29.51
CA GLU A 507 7.59 0.19 -30.70
C GLU A 507 8.04 -1.10 -31.39
#